data_5NT7
#
_entry.id   5NT7
#
_cell.length_a   38.950
_cell.length_b   39.040
_cell.length_c   97.480
_cell.angle_alpha   89.28
_cell.angle_beta   91.85
_cell.angle_gamma   99.26
#
_symmetry.space_group_name_H-M   'P 1'
#
loop_
_entity.id
_entity.type
_entity.pdbx_description
1 polymer 'ATP-dependent RNA helicase vasa, isoform A'
2 polymer 'Maternal effect protein oskar'
3 water water
#
loop_
_entity_poly.entity_id
_entity_poly.type
_entity_poly.pdbx_seq_one_letter_code
_entity_poly.pdbx_strand_id
1 'polypeptide(L)'
;GHSDVKQTIYEVNKYAKRSKLIEILSEQADGTIVFVETKRGADFLASFLSEKEFPTTSIHGDRLQSQREQALRDFKNGSM
KVLIATSVASRGLDIKNIKHVINYDMPSKIDDYVHRIGRTGRVGNNGRATSFFDPEKDRAIAADLVKILEGSGQTVPDFL
RTC
;
B,D
2 'polypeptide(L)'
;GPLGSMTIIESNYISVREEYPDIDSEVRAILLSHAQNGITISSIKSEYRKLTGNPFPLHDNVTDFLLTIPNVTAECSESG
KRIFNLKASLKNGHLLDMVLNQKERTS
;
A,C
#
# COMPACT_ATOMS: atom_id res chain seq x y z
N VAL A 5 11.81 43.32 18.70
CA VAL A 5 10.89 42.43 18.00
C VAL A 5 9.50 43.04 17.91
N LYS A 6 9.01 43.18 16.67
CA LYS A 6 7.67 43.67 16.43
C LYS A 6 6.66 42.59 16.79
N GLN A 7 5.87 42.82 17.82
CA GLN A 7 4.90 41.81 18.29
C GLN A 7 3.47 42.19 17.96
N THR A 8 2.75 41.23 17.37
CA THR A 8 1.38 41.43 16.96
C THR A 8 0.56 40.30 17.53
N ILE A 9 -0.54 40.62 18.20
CA ILE A 9 -1.44 39.60 18.72
C ILE A 9 -2.78 39.73 18.05
N TYR A 10 -3.25 38.65 17.45
CA TYR A 10 -4.57 38.61 16.84
C TYR A 10 -5.50 37.76 17.69
N GLU A 11 -6.73 38.20 17.83
CA GLU A 11 -7.75 37.36 18.47
C GLU A 11 -8.31 36.44 17.40
N VAL A 12 -8.05 35.14 17.55
CA VAL A 12 -8.42 34.19 16.51
C VAL A 12 -9.07 32.96 17.16
N ASN A 13 -10.26 32.61 16.70
CA ASN A 13 -10.91 31.40 17.18
C ASN A 13 -10.19 30.16 16.67
N LYS A 14 -10.26 29.09 17.46
CA LYS A 14 -9.50 27.85 17.18
C LYS A 14 -9.51 27.42 15.72
N TYR A 15 -10.69 27.42 15.11
CA TYR A 15 -10.81 26.87 13.77
C TYR A 15 -10.64 27.92 12.67
N ALA A 16 -10.29 29.13 13.08
CA ALA A 16 -9.98 30.21 12.14
C ALA A 16 -8.48 30.38 11.96
N LYS A 17 -7.70 29.67 12.78
CA LYS A 17 -6.26 29.80 12.80
C LYS A 17 -5.56 29.38 11.51
N ARG A 18 -5.98 28.27 10.93
CA ARG A 18 -5.33 27.77 9.71
C ARG A 18 -5.39 28.79 8.59
N SER A 19 -6.58 29.34 8.34
CA SER A 19 -6.73 30.35 7.31
C SER A 19 -5.91 31.61 7.60
N LYS A 20 -5.86 32.03 8.86
CA LYS A 20 -5.10 33.20 9.26
C LYS A 20 -3.61 32.99 9.01
N LEU A 21 -3.12 31.79 9.32
CA LEU A 21 -1.72 31.45 9.11
C LEU A 21 -1.41 31.51 7.61
N ILE A 22 -2.29 30.92 6.81
CA ILE A 22 -2.07 30.93 5.36
C ILE A 22 -2.05 32.35 4.79
N GLU A 23 -2.91 33.22 5.31
CA GLU A 23 -2.91 34.61 4.88
C GLU A 23 -1.55 35.24 5.13
N ILE A 24 -1.00 34.97 6.30
CA ILE A 24 0.28 35.53 6.71
C ILE A 24 1.43 34.96 5.88
N LEU A 25 1.49 33.64 5.74
CA LEU A 25 2.54 33.03 4.93
C LEU A 25 2.48 33.48 3.46
N SER A 26 1.27 33.76 2.97
CA SER A 26 1.11 34.17 1.59
C SER A 26 1.74 35.54 1.34
N GLU A 27 1.79 36.37 2.37
CA GLU A 27 2.49 37.64 2.29
C GLU A 27 4.00 37.41 2.30
N GLN A 28 4.45 36.56 3.22
CA GLN A 28 5.87 36.23 3.34
C GLN A 28 6.00 34.99 4.19
N ALA A 29 6.71 33.99 3.66
CA ALA A 29 6.83 32.70 4.34
C ALA A 29 8.24 32.33 4.78
N ASP A 30 9.26 32.82 4.07
CA ASP A 30 10.62 32.36 4.30
C ASP A 30 11.11 32.57 5.74
N GLY A 31 11.65 31.51 6.34
CA GLY A 31 12.28 31.60 7.64
C GLY A 31 11.30 31.73 8.79
N THR A 32 10.16 31.05 8.67
CA THR A 32 9.13 31.14 9.69
C THR A 32 9.14 29.90 10.55
N ILE A 33 9.11 30.08 11.86
CA ILE A 33 8.85 28.99 12.78
C ILE A 33 7.47 29.17 13.39
N VAL A 34 6.67 28.10 13.38
CA VAL A 34 5.32 28.13 13.89
C VAL A 34 5.21 27.17 15.04
N PHE A 35 4.75 27.66 16.18
CA PHE A 35 4.59 26.82 17.35
C PHE A 35 3.15 26.40 17.54
N VAL A 36 2.97 25.10 17.75
CA VAL A 36 1.65 24.52 17.94
C VAL A 36 1.63 23.61 19.16
N GLU A 37 0.44 23.25 19.62
CA GLU A 37 0.34 22.45 20.83
C GLU A 37 0.71 20.97 20.65
N THR A 38 0.14 20.30 19.65
CA THR A 38 0.24 18.83 19.61
C THR A 38 1.12 18.30 18.48
N LYS A 39 1.58 17.06 18.65
CA LYS A 39 2.42 16.38 17.68
C LYS A 39 1.69 16.14 16.38
N ARG A 40 0.48 15.61 16.45
CA ARG A 40 -0.27 15.35 15.21
C ARG A 40 -0.74 16.65 14.55
N GLY A 41 -0.97 17.67 15.36
CA GLY A 41 -1.27 19.01 14.86
C GLY A 41 -0.11 19.56 14.05
N ALA A 42 1.10 19.34 14.53
CA ALA A 42 2.32 19.78 13.83
C ALA A 42 2.45 19.08 12.48
N ASP A 43 2.26 17.76 12.47
CA ASP A 43 2.38 17.04 11.20
C ASP A 43 1.25 17.36 10.24
N PHE A 44 0.04 17.55 10.79
CA PHE A 44 -1.10 17.91 9.95
C PHE A 44 -0.81 19.23 9.26
N LEU A 45 -0.40 20.22 10.04
CA LEU A 45 -0.14 21.53 9.50
C LEU A 45 1.02 21.53 8.49
N ALA A 46 2.08 20.78 8.79
CA ALA A 46 3.21 20.74 7.87
C ALA A 46 2.80 20.11 6.53
N SER A 47 1.98 19.07 6.60
CA SER A 47 1.48 18.43 5.39
C SER A 47 0.63 19.40 4.60
N PHE A 48 -0.31 20.03 5.29
CA PHE A 48 -1.25 20.93 4.65
C PHE A 48 -0.54 22.13 4.00
N LEU A 49 0.39 22.74 4.72
CA LEU A 49 1.14 23.87 4.19
C LEU A 49 2.00 23.47 3.00
N SER A 50 2.62 22.29 3.07
CA SER A 50 3.45 21.82 1.96
C SER A 50 2.63 21.66 0.69
N GLU A 51 1.42 21.16 0.84
CA GLU A 51 0.52 21.02 -0.31
C GLU A 51 0.05 22.38 -0.86
N LYS A 52 0.05 23.40 -0.02
CA LYS A 52 -0.27 24.76 -0.44
C LYS A 52 0.98 25.50 -0.94
N GLU A 53 2.05 24.76 -1.21
CA GLU A 53 3.30 25.29 -1.81
C GLU A 53 4.16 26.10 -0.85
N PHE A 54 4.03 25.82 0.45
CA PHE A 54 4.98 26.34 1.41
C PHE A 54 5.73 25.14 1.95
N PRO A 55 6.97 24.89 1.47
CA PRO A 55 7.67 23.68 1.93
C PRO A 55 7.90 23.77 3.42
N THR A 56 7.30 22.84 4.15
CA THR A 56 7.20 22.93 5.60
C THR A 56 7.58 21.61 6.24
N THR A 57 8.44 21.66 7.24
CA THR A 57 8.82 20.48 7.97
C THR A 57 8.35 20.61 9.41
N SER A 58 8.60 19.59 10.22
CA SER A 58 8.08 19.59 11.58
C SER A 58 9.05 18.95 12.55
N ILE A 59 8.99 19.39 13.80
CA ILE A 59 9.72 18.78 14.88
C ILE A 59 8.80 18.58 16.07
N HIS A 60 8.77 17.36 16.60
CA HIS A 60 8.00 17.08 17.81
C HIS A 60 8.56 15.89 18.55
N GLY A 61 7.95 15.57 19.68
CA GLY A 61 8.51 14.61 20.62
C GLY A 61 8.58 13.17 20.17
N ASP A 62 7.84 12.82 19.13
CA ASP A 62 7.91 11.46 18.60
C ASP A 62 9.07 11.27 17.63
N ARG A 63 9.76 12.35 17.28
CA ARG A 63 10.89 12.27 16.37
C ARG A 63 12.16 11.80 17.06
N LEU A 64 12.88 10.88 16.41
CA LEU A 64 14.20 10.52 16.89
C LEU A 64 15.14 11.71 16.73
N GLN A 65 16.21 11.71 17.52
CA GLN A 65 17.16 12.82 17.51
C GLN A 65 17.69 13.15 16.12
N SER A 66 18.02 12.14 15.34
CA SER A 66 18.53 12.37 13.99
C SER A 66 17.50 13.06 13.10
N GLN A 67 16.22 12.79 13.35
CA GLN A 67 15.15 13.34 12.55
C GLN A 67 14.93 14.80 12.89
N ARG A 68 15.09 15.12 14.17
CA ARG A 68 14.96 16.51 14.60
C ARG A 68 16.08 17.33 13.98
N GLU A 69 17.28 16.78 14.00
CA GLU A 69 18.45 17.44 13.46
C GLU A 69 18.31 17.66 11.95
N GLN A 70 17.78 16.66 11.25
CA GLN A 70 17.61 16.79 9.80
C GLN A 70 16.58 17.86 9.45
N ALA A 71 15.47 17.89 10.20
CA ALA A 71 14.45 18.90 9.96
C ALA A 71 15.02 20.30 10.17
N LEU A 72 15.78 20.46 11.26
CA LEU A 72 16.44 21.72 11.55
C LEU A 72 17.42 22.10 10.44
N ARG A 73 18.14 21.11 9.92
CA ARG A 73 19.08 21.38 8.83
C ARG A 73 18.38 21.87 7.58
N ASP A 74 17.25 21.25 7.24
CA ASP A 74 16.49 21.64 6.05
C ASP A 74 15.98 23.06 6.19
N PHE A 75 15.59 23.44 7.40
CA PHE A 75 15.13 24.80 7.66
C PHE A 75 16.30 25.78 7.54
N LYS A 76 17.45 25.40 8.07
CA LYS A 76 18.62 26.25 8.02
C LYS A 76 19.21 26.42 6.63
N ASN A 77 19.14 25.37 5.80
N ASN A 77 19.11 25.39 5.81
CA ASN A 77 19.72 25.45 4.46
CA ASN A 77 19.72 25.44 4.48
C ASN A 77 18.80 26.06 3.40
C ASN A 77 18.80 26.03 3.40
N GLY A 78 17.52 26.19 3.75
CA GLY A 78 16.57 26.87 2.86
C GLY A 78 15.61 25.97 2.12
N SER A 79 15.75 24.65 2.27
CA SER A 79 14.89 23.75 1.52
C SER A 79 13.50 23.68 2.12
N MET A 80 13.39 23.98 3.41
CA MET A 80 12.11 24.10 4.09
C MET A 80 11.96 25.56 4.52
N LYS A 81 10.93 26.22 4.01
CA LYS A 81 10.69 27.63 4.31
C LYS A 81 10.08 27.83 5.68
N VAL A 82 9.32 26.84 6.14
CA VAL A 82 8.57 26.91 7.38
C VAL A 82 8.88 25.67 8.22
N LEU A 83 9.03 25.86 9.53
CA LEU A 83 9.23 24.78 10.46
C LEU A 83 8.10 24.83 11.48
N ILE A 84 7.39 23.73 11.65
CA ILE A 84 6.38 23.64 12.72
C ILE A 84 6.97 22.86 13.88
N ALA A 85 6.93 23.44 15.08
CA ALA A 85 7.41 22.78 16.27
C ALA A 85 6.37 22.81 17.36
N THR A 86 6.29 21.74 18.14
CA THR A 86 5.37 21.74 19.26
C THR A 86 5.88 22.66 20.36
N SER A 87 4.96 23.11 21.21
CA SER A 87 5.31 23.99 22.31
C SER A 87 6.33 23.32 23.22
N VAL A 88 6.14 22.03 23.50
CA VAL A 88 7.07 21.32 24.36
C VAL A 88 8.45 21.18 23.70
N ALA A 89 8.48 20.76 22.43
CA ALA A 89 9.74 20.55 21.74
C ALA A 89 10.53 21.85 21.53
N SER A 90 9.83 22.97 21.53
CA SER A 90 10.44 24.28 21.28
C SER A 90 11.46 24.67 22.34
N ARG A 91 11.27 24.16 23.55
CA ARG A 91 12.06 24.59 24.69
C ARG A 91 13.49 24.03 24.66
N GLY A 92 13.78 23.18 23.69
CA GLY A 92 15.11 22.61 23.54
C GLY A 92 15.75 22.95 22.21
N LEU A 93 15.04 23.72 21.38
CA LEU A 93 15.55 24.07 20.06
C LEU A 93 16.67 25.10 20.13
N ASP A 94 17.77 24.81 19.45
CA ASP A 94 18.90 25.74 19.37
C ASP A 94 18.91 26.43 18.02
N ILE A 95 18.13 27.50 17.90
CA ILE A 95 18.07 28.26 16.66
C ILE A 95 17.59 29.68 16.89
N LYS A 96 18.30 30.64 16.33
CA LYS A 96 17.98 32.05 16.51
C LYS A 96 18.06 32.78 15.17
N ASN A 97 17.89 34.11 15.23
CA ASN A 97 17.85 34.94 14.04
C ASN A 97 16.81 34.45 13.03
N ILE A 98 15.70 33.96 13.57
CA ILE A 98 14.56 33.53 12.79
C ILE A 98 13.83 34.76 12.27
N LYS A 99 13.35 34.71 11.04
CA LYS A 99 12.68 35.88 10.45
C LYS A 99 11.35 36.18 11.12
N HIS A 100 10.59 35.15 11.44
CA HIS A 100 9.25 35.33 11.95
C HIS A 100 8.87 34.17 12.84
N VAL A 101 8.53 34.46 14.09
CA VAL A 101 7.98 33.47 15.00
C VAL A 101 6.46 33.61 14.98
N ILE A 102 5.75 32.49 14.80
CA ILE A 102 4.29 32.54 14.91
C ILE A 102 3.80 31.60 15.99
N ASN A 103 3.14 32.14 17.01
CA ASN A 103 2.50 31.31 18.02
C ASN A 103 1.09 30.99 17.55
N TYR A 104 0.96 29.91 16.79
CA TYR A 104 -0.32 29.46 16.27
C TYR A 104 -1.19 29.04 17.44
N ASP A 105 -0.58 28.31 18.36
CA ASP A 105 -1.19 28.07 19.67
C ASP A 105 -0.36 28.88 20.66
N MET A 106 -1.02 29.72 21.44
CA MET A 106 -0.34 30.53 22.42
C MET A 106 0.26 29.60 23.46
N PRO A 107 1.47 29.90 23.93
CA PRO A 107 2.05 29.15 25.05
C PRO A 107 1.19 29.29 26.31
N SER A 108 1.31 28.36 27.24
CA SER A 108 0.55 28.44 28.48
C SER A 108 1.35 29.21 29.53
N LYS A 109 2.63 29.40 29.27
CA LYS A 109 3.49 30.11 30.21
C LYS A 109 4.12 31.31 29.55
N ILE A 110 4.09 32.45 30.25
CA ILE A 110 4.61 33.67 29.67
C ILE A 110 6.13 33.58 29.44
N ASP A 111 6.81 32.76 30.24
CA ASP A 111 8.25 32.57 30.07
C ASP A 111 8.53 31.97 28.69
N ASP A 112 7.64 31.10 28.22
CA ASP A 112 7.79 30.52 26.89
C ASP A 112 7.58 31.55 25.81
N TYR A 113 6.62 32.45 26.03
CA TYR A 113 6.35 33.51 25.06
C TYR A 113 7.61 34.35 24.91
N VAL A 114 8.19 34.71 26.05
CA VAL A 114 9.40 35.53 26.07
C VAL A 114 10.58 34.84 25.40
N HIS A 115 10.76 33.55 25.68
CA HIS A 115 11.85 32.80 25.10
C HIS A 115 11.77 32.81 23.57
N ARG A 116 10.56 32.66 23.04
CA ARG A 116 10.37 32.60 21.59
C ARG A 116 10.64 33.94 20.92
N ILE A 117 10.24 35.01 21.59
CA ILE A 117 10.53 36.37 21.13
C ILE A 117 12.03 36.52 20.91
N GLY A 118 12.81 35.95 21.82
CA GLY A 118 14.26 36.03 21.76
C GLY A 118 14.87 35.28 20.58
N ARG A 119 14.10 34.37 19.99
CA ARG A 119 14.62 33.58 18.88
C ARG A 119 14.53 34.29 17.53
N THR A 120 13.97 35.49 17.52
CA THR A 120 13.81 36.23 16.27
C THR A 120 14.35 37.65 16.35
N GLY A 127 13.20 41.59 13.72
CA GLY A 127 12.44 40.41 14.09
C GLY A 127 10.93 40.65 14.14
N ARG A 128 10.16 39.60 13.85
CA ARG A 128 8.71 39.67 13.98
C ARG A 128 8.21 38.48 14.78
N ALA A 129 7.23 38.70 15.64
CA ALA A 129 6.52 37.63 16.31
C ALA A 129 5.03 37.91 16.25
N THR A 130 4.26 36.97 15.72
CA THR A 130 2.82 37.12 15.62
C THR A 130 2.20 36.00 16.41
N SER A 131 1.20 36.30 17.23
CA SER A 131 0.57 35.30 18.06
C SER A 131 -0.93 35.27 17.85
N PHE A 132 -1.51 34.08 17.92
CA PHE A 132 -2.95 33.91 17.81
C PHE A 132 -3.46 33.65 19.21
N PHE A 133 -4.31 34.55 19.68
CA PHE A 133 -4.92 34.45 20.99
C PHE A 133 -6.34 33.93 20.86
N ASP A 134 -6.59 32.74 21.42
CA ASP A 134 -7.90 32.12 21.37
C ASP A 134 -8.60 32.42 22.69
N PRO A 135 -9.68 33.22 22.62
CA PRO A 135 -10.33 33.67 23.85
C PRO A 135 -11.01 32.54 24.63
N GLU A 136 -11.19 31.38 24.00
CA GLU A 136 -11.78 30.25 24.70
C GLU A 136 -10.71 29.31 25.29
N LYS A 137 -9.45 29.69 25.16
CA LYS A 137 -8.36 28.86 25.65
C LYS A 137 -7.26 29.62 26.40
N ASP A 138 -7.01 30.87 26.02
CA ASP A 138 -5.81 31.57 26.46
C ASP A 138 -6.09 32.68 27.45
N ARG A 139 -7.28 32.69 28.05
CA ARG A 139 -7.68 33.75 28.94
C ARG A 139 -6.67 34.00 30.06
N ALA A 140 -6.07 32.94 30.57
CA ALA A 140 -5.26 33.07 31.79
C ALA A 140 -3.96 33.83 31.57
N ILE A 141 -3.44 33.81 30.34
CA ILE A 141 -2.15 34.45 30.06
C ILE A 141 -2.30 35.92 29.65
N ALA A 142 -3.54 36.38 29.48
CA ALA A 142 -3.77 37.74 28.98
C ALA A 142 -3.08 38.84 29.77
N ALA A 143 -3.21 38.81 31.09
CA ALA A 143 -2.64 39.88 31.92
C ALA A 143 -1.10 39.89 31.85
N ASP A 144 -0.48 38.71 31.88
CA ASP A 144 0.96 38.63 31.72
C ASP A 144 1.39 39.10 30.32
N LEU A 145 0.59 38.78 29.31
CA LEU A 145 0.93 39.20 27.95
C LEU A 145 0.88 40.72 27.83
N VAL A 146 -0.12 41.34 28.44
CA VAL A 146 -0.21 42.80 28.44
C VAL A 146 1.08 43.40 29.02
N LYS A 147 1.54 42.84 30.13
CA LYS A 147 2.77 43.34 30.76
C LYS A 147 3.99 43.20 29.86
N ILE A 148 4.10 42.06 29.17
CA ILE A 148 5.23 41.84 28.28
C ILE A 148 5.20 42.77 27.08
N LEU A 149 4.02 42.98 26.51
CA LEU A 149 3.87 43.89 25.39
C LEU A 149 4.27 45.30 25.81
N GLU A 150 3.72 45.75 26.93
CA GLU A 150 4.04 47.10 27.39
C GLU A 150 5.53 47.27 27.71
N GLY A 151 6.11 46.29 28.38
CA GLY A 151 7.52 46.32 28.69
C GLY A 151 8.40 46.34 27.45
N SER A 152 7.89 45.84 26.33
CA SER A 152 8.65 45.80 25.08
C SER A 152 8.27 46.90 24.11
N GLY A 153 7.51 47.88 24.59
CA GLY A 153 7.10 49.00 23.76
C GLY A 153 6.13 48.66 22.66
N GLN A 154 5.33 47.62 22.87
CA GLN A 154 4.38 47.19 21.85
C GLN A 154 2.96 47.61 22.18
N THR A 155 2.18 47.87 21.15
CA THR A 155 0.77 48.19 21.31
C THR A 155 0.01 47.01 21.91
N VAL A 156 -0.87 47.31 22.86
CA VAL A 156 -1.72 46.30 23.49
C VAL A 156 -3.10 46.35 22.86
N PRO A 157 -3.51 45.26 22.19
CA PRO A 157 -4.87 45.28 21.66
C PRO A 157 -5.89 45.23 22.78
N ASP A 158 -7.02 45.91 22.60
CA ASP A 158 -8.00 46.05 23.66
C ASP A 158 -8.61 44.71 24.10
N PHE A 159 -8.64 43.72 23.22
CA PHE A 159 -9.24 42.44 23.59
C PHE A 159 -8.49 41.74 24.72
N LEU A 160 -7.22 42.08 24.91
CA LEU A 160 -6.44 41.46 25.97
C LEU A 160 -6.81 42.02 27.34
N ARG A 161 -7.37 43.22 27.35
CA ARG A 161 -7.70 43.89 28.61
C ARG A 161 -9.09 43.51 29.12
N THR A 162 -9.92 42.96 28.24
CA THR A 162 -11.30 42.64 28.60
C THR A 162 -11.44 41.25 29.20
N CYS A 163 -10.34 40.51 29.24
CA CYS A 163 -10.35 39.18 29.85
C CYS A 163 -10.45 39.29 31.37
N TYR B 13 -20.24 13.46 -4.52
CA TYR B 13 -19.02 14.01 -3.94
C TYR B 13 -18.75 15.40 -4.50
N ILE B 14 -19.40 15.73 -5.61
CA ILE B 14 -19.22 17.05 -6.18
C ILE B 14 -19.69 18.11 -5.19
N SER B 15 -20.81 17.84 -4.52
CA SER B 15 -21.32 18.72 -3.48
C SER B 15 -20.33 18.87 -2.32
N VAL B 16 -19.72 17.77 -1.93
CA VAL B 16 -18.75 17.78 -0.85
C VAL B 16 -17.53 18.61 -1.21
N ARG B 17 -16.98 18.36 -2.39
CA ARG B 17 -15.77 19.06 -2.80
C ARG B 17 -16.03 20.53 -3.08
N GLU B 18 -17.25 20.84 -3.54
CA GLU B 18 -17.65 22.23 -3.70
C GLU B 18 -17.61 22.98 -2.36
N GLU B 19 -18.17 22.37 -1.31
CA GLU B 19 -18.29 23.00 -0.01
C GLU B 19 -17.02 22.90 0.85
N TYR B 20 -16.23 21.86 0.63
CA TYR B 20 -15.00 21.63 1.40
C TYR B 20 -13.83 21.61 0.45
N PRO B 21 -13.35 22.80 0.06
CA PRO B 21 -12.40 22.91 -1.06
C PRO B 21 -11.05 22.30 -0.75
N ASP B 22 -10.73 22.09 0.52
CA ASP B 22 -9.41 21.57 0.87
C ASP B 22 -9.49 20.14 1.37
N ILE B 23 -10.60 19.47 1.12
CA ILE B 23 -10.81 18.17 1.74
C ILE B 23 -9.74 17.12 1.37
N ASP B 24 -9.26 17.12 0.14
CA ASP B 24 -8.16 16.22 -0.25
C ASP B 24 -6.94 16.42 0.64
N SER B 25 -6.53 17.68 0.82
CA SER B 25 -5.35 17.97 1.62
C SER B 25 -5.58 17.70 3.09
N GLU B 26 -6.81 17.96 3.56
CA GLU B 26 -7.12 17.70 4.95
C GLU B 26 -7.04 16.21 5.26
N VAL B 27 -7.65 15.40 4.39
CA VAL B 27 -7.60 13.94 4.56
C VAL B 27 -6.17 13.44 4.47
N ARG B 28 -5.43 13.87 3.45
CA ARG B 28 -4.05 13.42 3.32
C ARG B 28 -3.22 13.78 4.54
N ALA B 29 -3.42 14.99 5.07
CA ALA B 29 -2.67 15.41 6.25
C ALA B 29 -2.98 14.54 7.46
N ILE B 30 -4.24 14.17 7.64
CA ILE B 30 -4.62 13.24 8.70
C ILE B 30 -3.97 11.86 8.49
N LEU B 31 -4.07 11.32 7.28
CA LEU B 31 -3.47 10.02 6.98
C LEU B 31 -1.96 10.05 7.18
N LEU B 32 -1.33 11.13 6.77
CA LEU B 32 0.12 11.24 6.89
C LEU B 32 0.53 11.17 8.36
N SER B 33 -0.20 11.88 9.23
CA SER B 33 0.14 11.89 10.65
C SER B 33 -0.01 10.48 11.29
N HIS B 34 -0.87 9.65 10.70
CA HIS B 34 -1.12 8.31 11.22
C HIS B 34 -0.47 7.21 10.37
N ALA B 35 0.48 7.58 9.51
CA ALA B 35 1.01 6.67 8.51
C ALA B 35 1.71 5.41 9.05
N GLN B 36 2.19 5.46 10.29
CA GLN B 36 2.86 4.28 10.88
C GLN B 36 1.93 3.08 10.99
N ASN B 37 0.66 3.32 11.29
CA ASN B 37 -0.26 2.20 11.48
C ASN B 37 -1.51 2.29 10.64
N GLY B 38 -1.69 3.42 9.96
CA GLY B 38 -2.88 3.63 9.18
C GLY B 38 -4.02 3.96 10.10
N ILE B 39 -5.21 4.15 9.53
CA ILE B 39 -6.34 4.66 10.29
C ILE B 39 -7.68 4.21 9.66
N THR B 40 -8.65 3.89 10.49
CA THR B 40 -9.97 3.47 10.02
C THR B 40 -10.83 4.68 9.69
N ILE B 41 -11.93 4.45 8.98
CA ILE B 41 -12.87 5.50 8.65
C ILE B 41 -13.41 6.22 9.88
N SER B 42 -13.83 5.47 10.90
CA SER B 42 -14.36 6.11 12.10
C SER B 42 -13.34 7.07 12.72
N SER B 43 -12.06 6.69 12.70
CA SER B 43 -11.02 7.55 13.25
C SER B 43 -10.72 8.75 12.36
N ILE B 44 -10.76 8.57 11.05
CA ILE B 44 -10.66 9.69 10.13
C ILE B 44 -11.75 10.71 10.44
N LYS B 45 -12.98 10.26 10.63
CA LYS B 45 -14.09 11.14 10.93
C LYS B 45 -13.86 11.92 12.22
N SER B 46 -13.39 11.23 13.25
CA SER B 46 -13.21 11.90 14.53
C SER B 46 -12.02 12.86 14.47
N GLU B 47 -10.94 12.47 13.79
CA GLU B 47 -9.80 13.37 13.62
C GLU B 47 -10.18 14.59 12.82
N TYR B 48 -11.00 14.41 11.79
CA TYR B 48 -11.43 15.52 10.94
C TYR B 48 -12.19 16.54 11.77
N ARG B 49 -13.10 16.08 12.62
CA ARG B 49 -13.90 16.98 13.42
C ARG B 49 -13.03 17.72 14.43
N LYS B 50 -12.08 17.01 15.01
CA LYS B 50 -11.18 17.65 15.99
C LYS B 50 -10.32 18.73 15.35
N LEU B 51 -9.83 18.49 14.14
CA LEU B 51 -8.90 19.40 13.49
C LEU B 51 -9.59 20.59 12.81
N THR B 52 -10.80 20.39 12.32
CA THR B 52 -11.47 21.43 11.53
C THR B 52 -12.69 22.03 12.22
N GLY B 53 -13.22 21.33 13.22
CA GLY B 53 -14.41 21.79 13.91
C GLY B 53 -15.71 21.46 13.20
N ASN B 54 -15.60 20.78 12.06
CA ASN B 54 -16.77 20.35 11.31
C ASN B 54 -16.81 18.85 11.24
N PRO B 55 -18.01 18.27 11.32
CA PRO B 55 -18.13 16.83 11.10
C PRO B 55 -17.68 16.46 9.70
N PHE B 56 -17.12 15.26 9.56
CA PHE B 56 -16.74 14.76 8.25
C PHE B 56 -17.99 14.76 7.36
N PRO B 57 -17.87 15.31 6.14
CA PRO B 57 -19.08 15.60 5.36
C PRO B 57 -19.72 14.42 4.62
N LEU B 58 -19.18 13.21 4.79
CA LEU B 58 -19.81 12.02 4.21
C LEU B 58 -20.12 11.00 5.29
N HIS B 59 -21.30 10.40 5.22
CA HIS B 59 -21.70 9.39 6.19
C HIS B 59 -21.40 7.98 5.67
N ASP B 60 -21.78 7.71 4.43
CA ASP B 60 -21.54 6.39 3.85
C ASP B 60 -20.83 6.45 2.50
N ASN B 61 -20.56 5.28 1.92
CA ASN B 61 -19.68 5.16 0.76
C ASN B 61 -18.37 5.94 0.91
N VAL B 62 -17.85 5.96 2.13
CA VAL B 62 -16.65 6.72 2.44
C VAL B 62 -15.42 6.11 1.79
N THR B 63 -15.37 4.78 1.70
CA THR B 63 -14.20 4.16 1.07
C THR B 63 -14.04 4.64 -0.37
N ASP B 64 -15.13 4.65 -1.12
CA ASP B 64 -15.06 5.06 -2.52
C ASP B 64 -14.59 6.52 -2.64
N PHE B 65 -15.13 7.38 -1.77
CA PHE B 65 -14.70 8.76 -1.77
C PHE B 65 -13.22 8.92 -1.45
N LEU B 66 -12.76 8.27 -0.38
CA LEU B 66 -11.36 8.41 0.02
C LEU B 66 -10.46 7.98 -1.11
N LEU B 67 -10.90 6.96 -1.86
CA LEU B 67 -10.11 6.44 -2.98
C LEU B 67 -10.23 7.28 -4.26
N THR B 68 -10.87 8.44 -4.17
CA THR B 68 -10.81 9.41 -5.27
C THR B 68 -9.77 10.48 -4.98
N ILE B 69 -9.14 10.38 -3.82
CA ILE B 69 -8.13 11.36 -3.42
C ILE B 69 -6.75 10.86 -3.80
N PRO B 70 -6.06 11.57 -4.70
CA PRO B 70 -4.71 11.16 -5.13
C PRO B 70 -3.79 10.78 -3.96
N ASN B 71 -3.18 9.61 -4.11
CA ASN B 71 -2.21 9.04 -3.17
C ASN B 71 -2.76 8.34 -1.94
N VAL B 72 -4.08 8.37 -1.79
CA VAL B 72 -4.71 7.64 -0.68
C VAL B 72 -4.73 6.14 -0.96
N THR B 73 -4.43 5.34 0.07
CA THR B 73 -4.46 3.89 -0.05
C THR B 73 -5.44 3.31 0.96
N ALA B 74 -5.87 2.08 0.68
CA ALA B 74 -6.73 1.33 1.58
C ALA B 74 -6.22 -0.09 1.60
N GLU B 75 -6.39 -0.76 2.74
CA GLU B 75 -5.94 -2.14 2.90
C GLU B 75 -6.97 -2.90 3.72
N CYS B 76 -7.28 -4.11 3.29
CA CYS B 76 -8.01 -5.01 4.16
C CYS B 76 -6.98 -5.76 5.00
N SER B 77 -6.81 -5.35 6.25
CA SER B 77 -5.78 -5.95 7.08
C SER B 77 -6.19 -7.39 7.45
N GLU B 78 -5.22 -8.20 7.85
CA GLU B 78 -5.54 -9.56 8.27
C GLU B 78 -6.43 -9.56 9.51
N SER B 79 -6.36 -8.47 10.28
CA SER B 79 -7.21 -8.31 11.46
C SER B 79 -8.68 -8.20 11.08
N GLY B 80 -8.93 -7.75 9.85
CA GLY B 80 -10.28 -7.56 9.37
C GLY B 80 -10.65 -6.10 9.24
N LYS B 81 -9.83 -5.24 9.84
CA LYS B 81 -10.07 -3.80 9.77
C LYS B 81 -9.68 -3.25 8.41
N ARG B 82 -10.45 -2.27 7.95
CA ARG B 82 -10.11 -1.58 6.72
C ARG B 82 -9.33 -0.33 7.10
N ILE B 83 -8.08 -0.28 6.67
CA ILE B 83 -7.20 0.79 7.09
C ILE B 83 -6.70 1.62 5.93
N PHE B 84 -6.66 2.93 6.14
CA PHE B 84 -6.31 3.86 5.09
C PHE B 84 -4.96 4.49 5.40
N ASN B 85 -4.23 4.82 4.34
CA ASN B 85 -2.89 5.33 4.47
C ASN B 85 -2.56 6.15 3.24
N LEU B 86 -1.27 6.40 2.99
CA LEU B 86 -0.89 7.38 2.00
C LEU B 86 0.38 6.98 1.30
N LYS B 87 0.46 7.24 -0.01
CA LYS B 87 1.71 7.14 -0.75
C LYS B 87 2.39 8.50 -0.77
N ALA B 88 3.72 8.50 -0.81
CA ALA B 88 4.47 9.75 -0.84
C ALA B 88 4.26 10.52 -2.15
N SER B 89 4.14 11.83 -2.02
CA SER B 89 4.13 12.72 -3.17
C SER B 89 5.38 13.57 -3.11
N LEU B 90 5.64 14.34 -4.16
CA LEU B 90 6.82 15.19 -4.20
C LEU B 90 6.81 16.19 -3.07
N LYS B 91 5.62 16.69 -2.75
CA LYS B 91 5.52 17.78 -1.78
C LYS B 91 5.50 17.32 -0.32
N ASN B 92 5.03 16.10 -0.07
CA ASN B 92 4.95 15.65 1.32
C ASN B 92 5.93 14.51 1.69
N GLY B 93 6.74 14.08 0.72
CA GLY B 93 7.59 12.91 0.93
C GLY B 93 8.56 13.03 2.10
N HIS B 94 9.07 14.24 2.33
CA HIS B 94 10.00 14.46 3.43
C HIS B 94 9.31 14.20 4.77
N LEU B 95 8.03 14.54 4.83
CA LEU B 95 7.26 14.36 6.06
C LEU B 95 6.86 12.91 6.27
N LEU B 96 6.37 12.29 5.21
CA LEU B 96 5.95 10.90 5.29
C LEU B 96 7.12 10.01 5.72
N ASP B 97 8.29 10.27 5.16
CA ASP B 97 9.50 9.54 5.55
C ASP B 97 9.80 9.68 7.04
N MET B 98 9.62 10.88 7.59
CA MET B 98 9.86 11.06 9.02
C MET B 98 8.84 10.31 9.85
N VAL B 99 7.56 10.43 9.50
CA VAL B 99 6.53 9.73 10.24
C VAL B 99 6.76 8.22 10.24
N LEU B 100 7.06 7.64 9.08
CA LEU B 100 7.25 6.20 8.99
C LEU B 100 8.46 5.70 9.78
N ASN B 101 9.42 6.59 10.04
CA ASN B 101 10.65 6.23 10.72
C ASN B 101 10.80 6.85 12.12
N GLN B 102 9.74 7.45 12.65
CA GLN B 102 9.85 8.06 13.97
C GLN B 102 9.65 7.00 15.07
N LYS B 103 9.57 7.44 16.32
CA LYS B 103 9.39 6.52 17.44
C LYS B 103 8.15 5.67 17.23
N GLU B 104 8.26 4.39 17.56
CA GLU B 104 7.16 3.46 17.45
C GLU B 104 6.24 3.58 18.66
N TYR C 13 -22.66 -9.65 -1.06
CA TYR C 13 -21.50 -10.47 -1.41
C TYR C 13 -21.67 -11.87 -0.85
N ILE C 14 -22.65 -12.05 0.02
CA ILE C 14 -22.94 -13.36 0.56
C ILE C 14 -23.24 -14.32 -0.57
N SER C 15 -24.06 -13.87 -1.51
CA SER C 15 -24.40 -14.64 -2.70
C SER C 15 -23.17 -15.00 -3.53
N VAL C 16 -22.27 -14.04 -3.70
CA VAL C 16 -21.05 -14.25 -4.47
C VAL C 16 -20.13 -15.28 -3.82
N ARG C 17 -19.88 -15.13 -2.53
CA ARG C 17 -18.96 -16.03 -1.84
C ARG C 17 -19.54 -17.44 -1.71
N GLU C 18 -20.87 -17.53 -1.67
CA GLU C 18 -21.52 -18.82 -1.68
C GLU C 18 -21.25 -19.54 -3.01
N GLU C 19 -21.43 -18.83 -4.12
CA GLU C 19 -21.33 -19.42 -5.45
C GLU C 19 -19.89 -19.56 -5.93
N TYR C 20 -19.01 -18.70 -5.44
CA TYR C 20 -17.61 -18.69 -5.82
C TYR C 20 -16.75 -18.87 -4.58
N PRO C 21 -16.65 -20.10 -4.09
CA PRO C 21 -16.04 -20.38 -2.80
C PRO C 21 -14.57 -20.04 -2.69
N ASP C 22 -13.88 -19.93 -3.82
CA ASP C 22 -12.45 -19.64 -3.79
C ASP C 22 -12.14 -18.24 -4.29
N ILE C 23 -13.14 -17.37 -4.32
CA ILE C 23 -12.99 -16.04 -4.92
C ILE C 23 -11.85 -15.23 -4.27
N ASP C 24 -11.73 -15.30 -2.94
CA ASP C 24 -10.64 -14.61 -2.25
C ASP C 24 -9.27 -15.04 -2.79
N SER C 25 -9.04 -16.35 -2.86
CA SER C 25 -7.77 -16.88 -3.34
C SER C 25 -7.55 -16.58 -4.82
N GLU C 26 -8.62 -16.64 -5.60
CA GLU C 26 -8.51 -16.34 -7.02
C GLU C 26 -8.09 -14.90 -7.26
N VAL C 27 -8.77 -13.99 -6.57
CA VAL C 27 -8.43 -12.56 -6.68
C VAL C 27 -7.00 -12.31 -6.18
N ARG C 28 -6.65 -12.85 -5.02
CA ARG C 28 -5.29 -12.65 -4.55
C ARG C 28 -4.22 -13.19 -5.50
N ALA C 29 -4.49 -14.34 -6.13
CA ALA C 29 -3.51 -14.90 -7.04
C ALA C 29 -3.33 -14.02 -8.28
N ILE C 30 -4.43 -13.42 -8.75
CA ILE C 30 -4.35 -12.47 -9.86
C ILE C 30 -3.53 -11.24 -9.47
N LEU C 31 -3.84 -10.67 -8.31
CA LEU C 31 -3.15 -9.47 -7.85
C LEU C 31 -1.66 -9.76 -7.63
N LEU C 32 -1.38 -10.93 -7.05
CA LEU C 32 0.00 -11.31 -6.81
C LEU C 32 0.78 -11.33 -8.12
N SER C 33 0.19 -11.89 -9.16
CA SER C 33 0.91 -12.01 -10.43
C SER C 33 1.16 -10.63 -11.05
N HIS C 34 0.34 -9.64 -10.69
CA HIS C 34 0.45 -8.29 -11.23
C HIS C 34 1.06 -7.29 -10.24
N ALA C 35 1.67 -7.79 -9.16
CA ALA C 35 2.06 -6.94 -8.02
C ALA C 35 3.10 -5.85 -8.33
N GLN C 36 3.88 -6.01 -9.39
CA GLN C 36 4.88 -5.01 -9.74
C GLN C 36 4.24 -3.67 -10.04
N ASN C 37 3.08 -3.68 -10.68
CA ASN C 37 2.46 -2.42 -11.07
C ASN C 37 1.03 -2.25 -10.59
N GLY C 38 0.47 -3.31 -10.04
CA GLY C 38 -0.91 -3.29 -9.61
C GLY C 38 -1.80 -3.46 -10.82
N ILE C 39 -3.11 -3.43 -10.58
CA ILE C 39 -4.04 -3.78 -11.64
C ILE C 39 -5.39 -3.11 -11.38
N THR C 40 -6.04 -2.66 -12.45
CA THR C 40 -7.34 -2.01 -12.31
C THR C 40 -8.47 -3.03 -12.27
N ILE C 41 -9.65 -2.58 -11.84
CA ILE C 41 -10.82 -3.43 -11.80
C ILE C 41 -11.12 -4.05 -13.17
N SER C 42 -11.07 -3.25 -14.23
CA SER C 42 -11.32 -3.78 -15.57
C SER C 42 -10.40 -4.95 -15.91
N SER C 43 -9.13 -4.82 -15.53
CA SER C 43 -8.16 -5.87 -15.81
C SER C 43 -8.35 -7.09 -14.90
N ILE C 44 -8.79 -6.87 -13.66
CA ILE C 44 -9.10 -7.99 -12.77
C ILE C 44 -10.23 -8.82 -13.36
N LYS C 45 -11.26 -8.16 -13.86
CA LYS C 45 -12.39 -8.85 -14.46
C LYS C 45 -11.94 -9.65 -15.68
N SER C 46 -11.12 -9.03 -16.52
CA SER C 46 -10.60 -9.69 -17.73
C SER C 46 -9.75 -10.91 -17.37
N GLU C 47 -8.81 -10.74 -16.46
CA GLU C 47 -7.96 -11.85 -16.01
C GLU C 47 -8.77 -12.94 -15.35
N TYR C 48 -9.78 -12.56 -14.58
CA TYR C 48 -10.61 -13.54 -13.89
C TYR C 48 -11.30 -14.46 -14.89
N ARG C 49 -11.86 -13.87 -15.94
CA ARG C 49 -12.56 -14.69 -16.92
C ARG C 49 -11.59 -15.59 -17.66
N LYS C 50 -10.40 -15.07 -17.95
CA LYS C 50 -9.41 -15.84 -18.68
C LYS C 50 -8.92 -17.04 -17.89
N LEU C 51 -8.72 -16.85 -16.59
CA LEU C 51 -8.17 -17.89 -15.73
C LEU C 51 -9.21 -18.90 -15.25
N THR C 52 -10.47 -18.48 -15.13
CA THR C 52 -11.51 -19.36 -14.58
C THR C 52 -12.58 -19.78 -15.57
N GLY C 53 -12.72 -19.05 -16.67
CA GLY C 53 -13.76 -19.31 -17.63
C GLY C 53 -15.10 -18.71 -17.29
N ASN C 54 -15.20 -18.09 -16.11
CA ASN C 54 -16.43 -17.44 -15.70
C ASN C 54 -16.23 -15.94 -15.62
N PRO C 55 -17.26 -15.17 -15.99
CA PRO C 55 -17.17 -13.72 -15.80
C PRO C 55 -17.05 -13.40 -14.32
N PHE C 56 -16.34 -12.32 -14.00
CA PHE C 56 -16.25 -11.84 -12.63
C PHE C 56 -17.67 -11.59 -12.14
N PRO C 57 -17.99 -12.07 -10.93
CA PRO C 57 -19.37 -12.12 -10.47
C PRO C 57 -19.97 -10.81 -9.96
N LEU C 58 -19.20 -9.74 -9.92
CA LEU C 58 -19.72 -8.43 -9.53
C LEU C 58 -19.57 -7.42 -10.66
N HIS C 59 -20.58 -6.58 -10.86
CA HIS C 59 -20.49 -5.53 -11.87
C HIS C 59 -20.24 -4.18 -11.22
N ASP C 60 -20.86 -3.95 -10.07
CA ASP C 60 -20.73 -2.68 -9.35
C ASP C 60 -20.25 -2.91 -7.91
N ASN C 61 -19.90 -1.82 -7.23
CA ASN C 61 -19.42 -1.90 -5.85
C ASN C 61 -18.21 -2.81 -5.73
N VAL C 62 -17.41 -2.90 -6.79
CA VAL C 62 -16.29 -3.84 -6.81
C VAL C 62 -15.18 -3.45 -5.85
N THR C 63 -14.91 -2.14 -5.73
CA THR C 63 -13.86 -1.69 -4.81
C THR C 63 -14.17 -2.18 -3.39
N ASP C 64 -15.41 -2.01 -2.98
CA ASP C 64 -15.80 -2.38 -1.63
C ASP C 64 -15.65 -3.88 -1.44
N PHE C 65 -16.08 -4.65 -2.45
CA PHE C 65 -15.93 -6.10 -2.39
C PHE C 65 -14.47 -6.51 -2.29
N LEU C 66 -13.62 -5.96 -3.17
CA LEU C 66 -12.22 -6.35 -3.16
C LEU C 66 -11.58 -6.06 -1.81
N LEU C 67 -12.00 -4.96 -1.17
CA LEU C 67 -11.47 -4.58 0.13
C LEU C 67 -12.10 -5.34 1.32
N THR C 68 -12.89 -6.37 1.02
CA THR C 68 -13.30 -7.32 2.07
C THR C 68 -12.41 -8.56 2.04
N ILE C 69 -11.47 -8.58 1.11
CA ILE C 69 -10.57 -9.73 0.97
C ILE C 69 -9.26 -9.47 1.71
N PRO C 70 -8.94 -10.30 2.71
CA PRO C 70 -7.72 -10.09 3.49
C PRO C 70 -6.47 -9.90 2.63
N ASN C 71 -5.71 -8.84 2.92
CA ASN C 71 -4.44 -8.49 2.30
C ASN C 71 -4.53 -7.72 0.98
N VAL C 72 -5.75 -7.50 0.50
CA VAL C 72 -5.94 -6.74 -0.71
C VAL C 72 -5.79 -5.25 -0.43
N THR C 73 -5.08 -4.56 -1.30
CA THR C 73 -4.91 -3.11 -1.16
C THR C 73 -5.45 -2.38 -2.38
N ALA C 74 -5.76 -1.11 -2.18
CA ALA C 74 -6.20 -0.24 -3.28
C ALA C 74 -5.46 1.08 -3.14
N GLU C 75 -5.21 1.74 -4.27
CA GLU C 75 -4.51 3.02 -4.27
C GLU C 75 -5.13 3.92 -5.33
N CYS C 76 -5.32 5.18 -4.98
CA CYS C 76 -5.64 6.17 -6.00
C CYS C 76 -4.30 6.71 -6.53
N SER C 77 -3.88 6.23 -7.70
CA SER C 77 -2.61 6.65 -8.24
C SER C 77 -2.65 8.13 -8.62
N GLU C 78 -1.50 8.76 -8.73
CA GLU C 78 -1.48 10.15 -9.15
C GLU C 78 -2.01 10.28 -10.58
N SER C 79 -1.96 9.18 -11.33
CA SER C 79 -2.45 9.16 -12.71
C SER C 79 -3.96 9.27 -12.75
N GLY C 80 -4.60 8.96 -11.62
CA GLY C 80 -6.04 8.98 -11.54
C GLY C 80 -6.64 7.59 -11.53
N LYS C 81 -5.86 6.60 -11.93
CA LYS C 81 -6.35 5.22 -11.93
C LYS C 81 -6.41 4.64 -10.52
N ARG C 82 -7.44 3.83 -10.29
CA ARG C 82 -7.56 3.08 -9.04
C ARG C 82 -6.91 1.72 -9.26
N ILE C 83 -5.86 1.46 -8.49
CA ILE C 83 -4.97 0.32 -8.69
C ILE C 83 -5.02 -0.60 -7.48
N PHE C 84 -5.21 -1.89 -7.72
CA PHE C 84 -5.27 -2.87 -6.64
C PHE C 84 -4.03 -3.73 -6.58
N ASN C 85 -3.68 -4.18 -5.38
CA ASN C 85 -2.45 -4.92 -5.16
C ASN C 85 -2.62 -5.75 -3.89
N LEU C 86 -1.51 -6.20 -3.31
CA LEU C 86 -1.55 -7.21 -2.28
C LEU C 86 -0.48 -7.00 -1.23
N LYS C 87 -0.81 -7.29 0.02
CA LYS C 87 0.20 -7.36 1.08
C LYS C 87 0.62 -8.81 1.24
N ALA C 88 1.87 -9.04 1.64
CA ALA C 88 2.38 -10.38 1.85
C ALA C 88 1.68 -11.06 3.01
N SER C 89 1.38 -12.35 2.82
CA SER C 89 0.88 -13.21 3.88
C SER C 89 1.95 -14.26 4.15
N LEU C 90 1.78 -15.04 5.21
CA LEU C 90 2.74 -16.10 5.51
C LEU C 90 2.82 -17.14 4.40
N LYS C 91 1.68 -17.44 3.78
CA LYS C 91 1.66 -18.52 2.79
C LYS C 91 2.10 -18.07 1.39
N ASN C 92 1.97 -16.79 1.08
CA ASN C 92 2.33 -16.32 -0.26
C ASN C 92 3.55 -15.41 -0.33
N GLY C 93 4.14 -15.09 0.83
CA GLY C 93 5.21 -14.10 0.88
C GLY C 93 6.40 -14.40 -0.02
N HIS C 94 6.74 -15.69 -0.14
CA HIS C 94 7.85 -16.10 -0.99
C HIS C 94 7.58 -15.76 -2.45
N LEU C 95 6.32 -15.92 -2.86
CA LEU C 95 5.95 -15.61 -4.24
C LEU C 95 5.88 -14.11 -4.48
N LEU C 96 5.28 -13.38 -3.55
CA LEU C 96 5.14 -11.93 -3.70
C LEU C 96 6.53 -11.30 -3.81
N ASP C 97 7.46 -11.75 -2.99
CA ASP C 97 8.82 -11.25 -3.03
C ASP C 97 9.49 -11.48 -4.38
N MET C 98 9.25 -12.63 -4.98
CA MET C 98 9.86 -12.88 -6.27
C MET C 98 9.24 -11.99 -7.34
N VAL C 99 7.93 -11.84 -7.33
CA VAL C 99 7.26 -11.02 -8.33
C VAL C 99 7.72 -9.58 -8.23
N LEU C 100 7.82 -9.06 -7.01
CA LEU C 100 8.21 -7.67 -6.84
C LEU C 100 9.65 -7.41 -7.28
N ASN C 101 10.47 -8.45 -7.30
CA ASN C 101 11.89 -8.31 -7.65
C ASN C 101 12.30 -8.98 -8.95
N GLN C 102 11.32 -9.41 -9.75
CA GLN C 102 11.64 -10.07 -11.01
C GLN C 102 11.94 -9.03 -12.09
N LYS C 103 12.09 -9.47 -13.35
CA LYS C 103 12.40 -8.57 -14.44
C LYS C 103 11.38 -7.45 -14.52
N GLU C 104 11.87 -6.23 -14.76
CA GLU C 104 11.03 -5.04 -14.87
C GLU C 104 10.06 -5.19 -16.03
N VAL D 5 8.95 -44.95 -16.75
CA VAL D 5 8.08 -43.99 -16.09
C VAL D 5 6.61 -44.31 -16.31
N LYS D 6 5.87 -44.43 -15.21
CA LYS D 6 4.43 -44.67 -15.27
C LYS D 6 3.73 -43.41 -15.78
N GLN D 7 3.12 -43.51 -16.95
CA GLN D 7 2.45 -42.37 -17.57
C GLN D 7 0.95 -42.53 -17.65
N THR D 8 0.23 -41.53 -17.15
CA THR D 8 -1.22 -41.52 -17.15
C THR D 8 -1.70 -40.25 -17.81
N ILE D 9 -2.57 -40.37 -18.80
CA ILE D 9 -3.13 -39.21 -19.49
C ILE D 9 -4.61 -39.13 -19.18
N TYR D 10 -5.05 -37.97 -18.65
CA TYR D 10 -6.46 -37.73 -18.44
C TYR D 10 -6.97 -36.73 -19.46
N GLU D 11 -8.21 -36.91 -19.90
CA GLU D 11 -8.88 -35.93 -20.74
C GLU D 11 -9.54 -34.89 -19.83
N VAL D 12 -9.07 -33.65 -19.90
CA VAL D 12 -9.51 -32.63 -18.96
C VAL D 12 -9.74 -31.32 -19.71
N ASN D 13 -10.95 -30.79 -19.58
CA ASN D 13 -11.26 -29.48 -20.15
C ASN D 13 -10.51 -28.38 -19.41
N LYS D 14 -10.21 -27.31 -20.14
CA LYS D 14 -9.34 -26.23 -19.64
C LYS D 14 -9.65 -25.77 -18.22
N TYR D 15 -10.92 -25.55 -17.93
CA TYR D 15 -11.29 -24.98 -16.65
C TYR D 15 -11.60 -26.03 -15.59
N ALA D 16 -11.38 -27.30 -15.93
CA ALA D 16 -11.49 -28.38 -14.97
C ALA D 16 -10.13 -28.80 -14.43
N LYS D 17 -9.07 -28.26 -15.03
CA LYS D 17 -7.71 -28.63 -14.65
C LYS D 17 -7.34 -28.33 -13.21
N ARG D 18 -7.73 -27.16 -12.71
CA ARG D 18 -7.33 -26.77 -11.38
C ARG D 18 -7.89 -27.73 -10.34
N SER D 19 -9.16 -28.07 -10.46
CA SER D 19 -9.77 -29.02 -9.55
C SER D 19 -9.11 -30.41 -9.63
N LYS D 20 -8.78 -30.85 -10.84
CA LYS D 20 -8.14 -32.16 -11.03
C LYS D 20 -6.75 -32.18 -10.38
N LEU D 21 -6.01 -31.10 -10.55
CA LEU D 21 -4.69 -30.98 -9.94
C LEU D 21 -4.79 -31.05 -8.42
N ILE D 22 -5.75 -30.34 -7.84
CA ILE D 22 -5.93 -30.33 -6.39
C ILE D 22 -6.31 -31.73 -5.89
N GLU D 23 -7.11 -32.44 -6.66
CA GLU D 23 -7.49 -33.80 -6.30
C GLU D 23 -6.25 -34.69 -6.22
N ILE D 24 -5.37 -34.54 -7.21
CA ILE D 24 -4.14 -35.32 -7.27
C ILE D 24 -3.17 -34.94 -6.14
N LEU D 25 -2.97 -33.65 -5.91
CA LEU D 25 -2.07 -33.20 -4.87
C LEU D 25 -2.56 -33.59 -3.48
N SER D 26 -3.88 -33.66 -3.33
CA SER D 26 -4.45 -34.02 -2.04
C SER D 26 -4.14 -35.47 -1.69
N GLU D 27 -3.98 -36.31 -2.71
CA GLU D 27 -3.56 -37.69 -2.47
C GLU D 27 -2.09 -37.73 -2.11
N GLN D 28 -1.27 -37.02 -2.88
CA GLN D 28 0.16 -36.91 -2.59
C GLN D 28 0.74 -35.72 -3.33
N ALA D 29 1.47 -34.87 -2.60
CA ALA D 29 1.96 -33.61 -3.17
C ALA D 29 3.48 -33.49 -3.22
N ASP D 30 4.18 -34.13 -2.28
CA ASP D 30 5.62 -33.91 -2.13
C ASP D 30 6.42 -34.22 -3.39
N GLY D 31 7.31 -33.31 -3.75
CA GLY D 31 8.22 -33.53 -4.87
C GLY D 31 7.54 -33.52 -6.22
N THR D 32 6.52 -32.68 -6.37
CA THR D 32 5.79 -32.58 -7.62
C THR D 32 6.22 -31.37 -8.41
N ILE D 33 6.54 -31.55 -9.69
CA ILE D 33 6.73 -30.45 -10.60
C ILE D 33 5.55 -30.40 -11.56
N VAL D 34 4.98 -29.21 -11.72
CA VAL D 34 3.80 -29.01 -12.56
C VAL D 34 4.18 -28.08 -13.68
N PHE D 35 3.99 -28.52 -14.91
CA PHE D 35 4.29 -27.68 -16.07
C PHE D 35 3.03 -27.01 -16.61
N VAL D 36 3.14 -25.71 -16.82
CA VAL D 36 2.05 -24.90 -17.35
C VAL D 36 2.52 -24.06 -18.53
N GLU D 37 1.58 -23.49 -19.28
CA GLU D 37 1.93 -22.75 -20.48
C GLU D 37 2.48 -21.34 -20.23
N THR D 38 1.87 -20.59 -19.33
CA THR D 38 2.20 -19.16 -19.22
C THR D 38 2.79 -18.74 -17.87
N LYS D 39 3.50 -17.63 -17.88
CA LYS D 39 4.12 -17.08 -16.68
C LYS D 39 3.06 -16.69 -15.66
N ARG D 40 1.99 -16.05 -16.13
CA ARG D 40 0.92 -15.63 -15.24
C ARG D 40 0.20 -16.83 -14.66
N GLY D 41 0.03 -17.86 -15.48
CA GLY D 41 -0.58 -19.10 -15.05
C GLY D 41 0.24 -19.75 -13.96
N ALA D 42 1.56 -19.70 -14.11
CA ALA D 42 2.47 -20.28 -13.13
C ALA D 42 2.33 -19.58 -11.77
N ASP D 43 2.33 -18.25 -11.77
CA ASP D 43 2.24 -17.54 -10.50
C ASP D 43 0.85 -17.66 -9.90
N PHE D 44 -0.17 -17.63 -10.75
CA PHE D 44 -1.54 -17.80 -10.26
C PHE D 44 -1.67 -19.14 -9.55
N LEU D 45 -1.23 -20.20 -10.20
CA LEU D 45 -1.34 -21.53 -9.62
C LEU D 45 -0.51 -21.65 -8.33
N ALA D 46 0.70 -21.12 -8.32
CA ALA D 46 1.55 -21.23 -7.13
C ALA D 46 0.91 -20.51 -5.95
N SER D 47 0.30 -19.37 -6.22
CA SER D 47 -0.38 -18.61 -5.16
C SER D 47 -1.57 -19.41 -4.66
N PHE D 48 -2.36 -19.91 -5.59
CA PHE D 48 -3.61 -20.59 -5.24
C PHE D 48 -3.31 -21.86 -4.44
N LEU D 49 -2.36 -22.65 -4.93
CA LEU D 49 -1.99 -23.89 -4.24
C LEU D 49 -1.40 -23.62 -2.86
N SER D 50 -0.59 -22.56 -2.76
CA SER D 50 -0.01 -22.21 -1.47
C SER D 50 -1.11 -21.88 -0.46
N GLU D 51 -2.15 -21.18 -0.91
CA GLU D 51 -3.25 -20.86 -0.01
C GLU D 51 -4.06 -22.09 0.39
N LYS D 52 -4.01 -23.12 -0.45
CA LYS D 52 -4.65 -24.41 -0.18
C LYS D 52 -3.76 -25.36 0.63
N GLU D 53 -2.68 -24.81 1.20
CA GLU D 53 -1.79 -25.52 2.12
C GLU D 53 -0.84 -26.48 1.41
N PHE D 54 -0.58 -26.23 0.13
CA PHE D 54 0.52 -26.92 -0.56
C PHE D 54 1.56 -25.85 -0.86
N PRO D 55 2.65 -25.80 -0.07
CA PRO D 55 3.68 -24.76 -0.28
C PRO D 55 4.26 -24.93 -1.68
N THR D 56 4.01 -23.93 -2.52
CA THR D 56 4.31 -24.05 -3.94
C THR D 56 5.08 -22.83 -4.43
N THR D 57 6.16 -23.07 -5.15
CA THR D 57 6.91 -21.97 -5.75
C THR D 57 6.80 -22.04 -7.26
N SER D 58 7.39 -21.08 -7.95
CA SER D 58 7.27 -21.02 -9.41
C SER D 58 8.56 -20.58 -10.07
N ILE D 59 8.73 -21.05 -11.31
CA ILE D 59 9.84 -20.61 -12.14
C ILE D 59 9.30 -20.27 -13.53
N HIS D 60 9.64 -19.08 -14.01
CA HIS D 60 9.26 -18.72 -15.37
C HIS D 60 10.21 -17.67 -15.94
N GLY D 61 9.98 -17.29 -17.18
CA GLY D 61 10.90 -16.46 -17.92
C GLY D 61 11.10 -15.03 -17.45
N ASP D 62 10.18 -14.53 -16.62
CA ASP D 62 10.36 -13.18 -16.08
C ASP D 62 11.25 -13.16 -14.84
N ARG D 63 11.64 -14.33 -14.36
CA ARG D 63 12.50 -14.43 -13.16
C ARG D 63 13.96 -14.22 -13.48
N LEU D 64 14.65 -13.44 -12.65
CA LEU D 64 16.09 -13.32 -12.79
C LEU D 64 16.70 -14.66 -12.44
N GLN D 65 17.92 -14.90 -12.91
CA GLN D 65 18.57 -16.19 -12.69
C GLN D 65 18.67 -16.57 -11.22
N SER D 66 19.02 -15.61 -10.37
CA SER D 66 19.14 -15.88 -8.95
C SER D 66 17.80 -16.34 -8.36
N GLN D 67 16.70 -15.83 -8.90
CA GLN D 67 15.37 -16.15 -8.40
C GLN D 67 14.97 -17.56 -8.82
N ARG D 68 15.35 -17.94 -10.03
CA ARG D 68 15.10 -19.30 -10.50
C ARG D 68 15.86 -20.28 -9.63
N GLU D 69 17.13 -19.96 -9.38
CA GLU D 69 17.98 -20.82 -8.56
C GLU D 69 17.45 -20.94 -7.13
N GLN D 70 16.94 -19.85 -6.58
CA GLN D 70 16.39 -19.89 -5.22
C GLN D 70 15.14 -20.76 -5.17
N ALA D 71 14.25 -20.58 -6.14
CA ALA D 71 13.04 -21.38 -6.21
C ALA D 71 13.38 -22.86 -6.29
N LEU D 72 14.38 -23.18 -7.11
CA LEU D 72 14.78 -24.56 -7.26
C LEU D 72 15.37 -25.11 -5.95
N ARG D 73 16.16 -24.28 -5.26
CA ARG D 73 16.75 -24.71 -4.00
C ARG D 73 15.67 -24.99 -2.95
N ASP D 74 14.63 -24.15 -2.93
CA ASP D 74 13.52 -24.33 -2.00
C ASP D 74 12.80 -25.67 -2.25
N PHE D 75 12.61 -26.01 -3.52
CA PHE D 75 12.01 -27.29 -3.91
C PHE D 75 12.90 -28.44 -3.51
N LYS D 76 14.20 -28.30 -3.76
CA LYS D 76 15.17 -29.33 -3.41
C LYS D 76 15.38 -29.56 -1.90
N ASN D 77 15.30 -28.49 -1.10
N ASN D 77 15.26 -28.49 -1.11
CA ASN D 77 15.52 -28.62 0.34
CA ASN D 77 15.51 -28.58 0.31
C ASN D 77 14.27 -29.03 1.12
C ASN D 77 14.29 -29.01 1.11
N GLY D 78 13.11 -28.93 0.47
CA GLY D 78 11.87 -29.41 1.05
C GLY D 78 10.93 -28.34 1.55
N SER D 79 11.34 -27.07 1.46
CA SER D 79 10.48 -26.02 1.97
C SER D 79 9.28 -25.76 1.05
N MET D 80 9.45 -26.09 -0.23
CA MET D 80 8.38 -25.98 -1.22
C MET D 80 8.10 -27.40 -1.69
N LYS D 81 6.87 -27.84 -1.53
CA LYS D 81 6.50 -29.21 -1.88
C LYS D 81 6.23 -29.33 -3.37
N VAL D 82 5.81 -28.23 -3.97
CA VAL D 82 5.41 -28.20 -5.38
C VAL D 82 6.14 -27.07 -6.10
N LEU D 83 6.55 -27.33 -7.32
CA LEU D 83 7.18 -26.34 -8.18
C LEU D 83 6.37 -26.21 -9.46
N ILE D 84 5.93 -25.01 -9.79
CA ILE D 84 5.25 -24.77 -11.07
C ILE D 84 6.25 -24.12 -11.99
N ALA D 85 6.41 -24.69 -13.18
CA ALA D 85 7.34 -24.16 -14.18
C ALA D 85 6.68 -24.02 -15.54
N THR D 86 7.04 -22.98 -16.28
CA THR D 86 6.51 -22.86 -17.63
C THR D 86 7.08 -23.88 -18.61
N SER D 87 6.30 -24.17 -19.65
CA SER D 87 6.72 -25.00 -20.76
C SER D 87 8.09 -24.60 -21.27
N VAL D 88 8.26 -23.30 -21.46
CA VAL D 88 9.51 -22.78 -22.00
C VAL D 88 10.67 -22.83 -21.00
N ALA D 89 10.46 -22.33 -19.79
CA ALA D 89 11.55 -22.28 -18.82
C ALA D 89 11.91 -23.66 -18.29
N SER D 90 11.14 -24.67 -18.73
CA SER D 90 11.33 -26.04 -18.29
C SER D 90 12.51 -26.70 -18.98
N ARG D 91 12.79 -26.24 -20.19
CA ARG D 91 13.79 -26.89 -21.02
C ARG D 91 15.21 -26.74 -20.48
N GLY D 92 15.45 -25.66 -19.76
CA GLY D 92 16.76 -25.44 -19.21
C GLY D 92 16.93 -25.90 -17.79
N LEU D 93 15.84 -26.31 -17.16
CA LEU D 93 15.92 -26.75 -15.79
C LEU D 93 16.77 -28.01 -15.55
N ASP D 94 17.70 -27.94 -14.60
CA ASP D 94 18.52 -29.07 -14.24
C ASP D 94 18.02 -29.71 -12.94
N ILE D 95 17.05 -30.59 -13.07
CA ILE D 95 16.52 -31.28 -11.90
C ILE D 95 16.10 -32.66 -12.37
N LYS D 96 16.29 -33.63 -11.52
CA LYS D 96 15.97 -34.98 -11.87
C LYS D 96 15.51 -35.70 -10.66
N ASN D 97 15.10 -36.93 -10.82
CA ASN D 97 14.63 -37.71 -9.73
C ASN D 97 13.43 -37.06 -9.06
N ILE D 98 12.59 -36.49 -9.88
CA ILE D 98 11.33 -35.91 -9.44
C ILE D 98 10.37 -37.03 -9.08
N LYS D 99 9.62 -36.87 -7.99
CA LYS D 99 8.63 -37.89 -7.65
C LYS D 99 7.49 -37.94 -8.65
N HIS D 100 7.01 -36.78 -9.08
CA HIS D 100 5.85 -36.74 -9.94
C HIS D 100 5.94 -35.53 -10.87
N VAL D 101 5.86 -35.77 -12.18
CA VAL D 101 5.75 -34.71 -13.17
C VAL D 101 4.29 -34.62 -13.56
N ILE D 102 3.73 -33.42 -13.52
CA ILE D 102 2.36 -33.23 -13.99
C ILE D 102 2.33 -32.21 -15.12
N ASN D 103 1.89 -32.64 -16.29
CA ASN D 103 1.70 -31.71 -17.39
C ASN D 103 0.30 -31.14 -17.30
N TYR D 104 0.17 -30.03 -16.58
CA TYR D 104 -1.10 -29.36 -16.39
C TYR D 104 -1.55 -28.82 -17.73
N ASP D 105 -0.61 -28.22 -18.46
CA ASP D 105 -0.81 -27.92 -19.86
C ASP D 105 0.11 -28.84 -20.67
N MET D 106 -0.45 -29.60 -21.61
CA MET D 106 0.37 -30.42 -22.47
C MET D 106 1.34 -29.57 -23.25
N PRO D 107 2.56 -30.07 -23.45
CA PRO D 107 3.49 -29.35 -24.33
C PRO D 107 2.98 -29.41 -25.77
N SER D 108 3.49 -28.53 -26.62
CA SER D 108 3.09 -28.55 -28.03
C SER D 108 4.00 -29.47 -28.85
N LYS D 109 5.18 -29.77 -28.32
CA LYS D 109 6.13 -30.64 -29.00
C LYS D 109 6.36 -31.92 -28.22
N ILE D 110 6.34 -33.05 -28.92
CA ILE D 110 6.52 -34.33 -28.25
C ILE D 110 7.92 -34.48 -27.65
N ASP D 111 8.92 -33.82 -28.22
CA ASP D 111 10.25 -33.80 -27.62
C ASP D 111 10.19 -33.21 -26.22
N ASP D 112 9.33 -32.22 -26.00
CA ASP D 112 9.22 -31.65 -24.67
C ASP D 112 8.58 -32.64 -23.69
N TYR D 113 7.59 -33.38 -24.17
CA TYR D 113 6.94 -34.39 -23.36
C TYR D 113 7.99 -35.40 -22.89
N VAL D 114 8.79 -35.88 -23.83
CA VAL D 114 9.79 -36.89 -23.51
C VAL D 114 10.83 -36.35 -22.52
N HIS D 115 11.25 -35.10 -22.73
CA HIS D 115 12.22 -34.47 -21.84
C HIS D 115 11.64 -34.21 -20.45
N ARG D 116 10.39 -33.75 -20.39
CA ARG D 116 9.74 -33.44 -19.12
C ARG D 116 9.61 -34.68 -18.26
N ILE D 117 9.17 -35.77 -18.86
CA ILE D 117 8.95 -37.00 -18.10
C ILE D 117 10.25 -37.74 -17.83
N GLY D 118 11.33 -37.30 -18.47
CA GLY D 118 12.64 -37.85 -18.22
C GLY D 118 13.24 -37.32 -16.93
N ARG D 119 12.51 -36.42 -16.29
CA ARG D 119 12.96 -35.80 -15.05
C ARG D 119 12.52 -36.57 -13.81
N THR D 120 11.71 -37.60 -14.00
CA THR D 120 11.16 -38.33 -12.86
C THR D 120 11.61 -39.79 -12.81
N GLY D 127 9.25 -43.81 -11.19
CA GLY D 127 8.87 -42.46 -11.56
C GLY D 127 7.42 -42.38 -12.01
N ARG D 128 6.88 -41.16 -12.09
CA ARG D 128 5.46 -41.03 -12.34
C ARG D 128 5.16 -39.74 -13.11
N ALA D 129 4.44 -39.83 -14.23
CA ALA D 129 4.07 -38.63 -14.99
C ALA D 129 2.59 -38.64 -15.34
N THR D 130 1.88 -37.58 -14.98
CA THR D 130 0.45 -37.46 -15.25
C THR D 130 0.28 -36.27 -16.17
N SER D 131 -0.51 -36.42 -17.22
CA SER D 131 -0.74 -35.31 -18.14
C SER D 131 -2.23 -35.02 -18.31
N PHE D 132 -2.57 -33.75 -18.47
CA PHE D 132 -3.94 -33.34 -18.72
C PHE D 132 -4.03 -33.00 -20.20
N PHE D 133 -4.82 -33.77 -20.94
CA PHE D 133 -5.04 -33.55 -22.35
C PHE D 133 -6.34 -32.79 -22.57
N ASP D 134 -6.23 -31.58 -23.13
CA ASP D 134 -7.40 -30.76 -23.40
C ASP D 134 -7.81 -30.99 -24.86
N PRO D 135 -9.00 -31.58 -25.07
CA PRO D 135 -9.38 -31.96 -26.44
C PRO D 135 -9.65 -30.76 -27.35
N GLU D 136 -9.76 -29.58 -26.77
CA GLU D 136 -9.97 -28.39 -27.58
C GLU D 136 -8.67 -27.63 -27.83
N LYS D 137 -7.54 -28.19 -27.40
CA LYS D 137 -6.26 -27.53 -27.54
C LYS D 137 -5.12 -28.45 -28.01
N ASP D 138 -5.17 -29.72 -27.61
CA ASP D 138 -4.02 -30.62 -27.75
C ASP D 138 -4.18 -31.69 -28.84
N ARG D 139 -5.16 -31.53 -29.71
CA ARG D 139 -5.46 -32.57 -30.71
C ARG D 139 -4.24 -32.93 -31.57
N ALA D 140 -3.40 -31.94 -31.86
CA ALA D 140 -2.32 -32.15 -32.82
C ALA D 140 -1.21 -33.06 -32.32
N ILE D 141 -1.05 -33.18 -31.01
CA ILE D 141 0.04 -33.97 -30.44
C ILE D 141 -0.40 -35.39 -30.09
N ALA D 142 -1.70 -35.66 -30.25
CA ALA D 142 -2.26 -36.96 -29.86
C ALA D 142 -1.54 -38.15 -30.50
N ALA D 143 -1.34 -38.12 -31.81
CA ALA D 143 -0.70 -39.24 -32.50
C ALA D 143 0.73 -39.49 -32.00
N ASP D 144 1.47 -38.42 -31.74
CA ASP D 144 2.83 -38.55 -31.23
C ASP D 144 2.82 -39.08 -29.80
N LEU D 145 1.83 -38.64 -29.03
CA LEU D 145 1.68 -39.11 -27.66
C LEU D 145 1.41 -40.61 -27.62
N VAL D 146 0.51 -41.06 -28.49
CA VAL D 146 0.21 -42.48 -28.64
C VAL D 146 1.49 -43.27 -28.90
N LYS D 147 2.33 -42.79 -29.80
CA LYS D 147 3.59 -43.46 -30.11
C LYS D 147 4.54 -43.53 -28.91
N ILE D 148 4.59 -42.46 -28.12
CA ILE D 148 5.44 -42.48 -26.93
C ILE D 148 4.89 -43.45 -25.89
N LEU D 149 3.57 -43.46 -25.70
CA LEU D 149 2.96 -44.38 -24.75
C LEU D 149 3.23 -45.83 -25.16
N GLU D 150 3.06 -46.12 -26.45
CA GLU D 150 3.32 -47.46 -26.97
C GLU D 150 4.80 -47.82 -26.78
N GLY D 151 5.69 -46.89 -27.10
CA GLY D 151 7.11 -47.12 -26.96
C GLY D 151 7.54 -47.34 -25.53
N SER D 152 6.74 -46.85 -24.59
CA SER D 152 7.02 -46.98 -23.18
C SER D 152 6.24 -48.13 -22.57
N GLY D 153 5.55 -48.89 -23.42
CA GLY D 153 4.77 -50.03 -22.97
C GLY D 153 3.61 -49.65 -22.05
N GLN D 154 3.03 -48.48 -22.27
CA GLN D 154 1.98 -47.93 -21.42
C GLN D 154 0.62 -48.06 -22.09
N THR D 155 -0.43 -48.11 -21.29
CA THR D 155 -1.78 -48.15 -21.84
C THR D 155 -2.11 -46.87 -22.60
N VAL D 156 -2.81 -47.02 -23.73
CA VAL D 156 -3.25 -45.87 -24.52
C VAL D 156 -4.76 -45.65 -24.34
N PRO D 157 -5.13 -44.53 -23.70
CA PRO D 157 -6.57 -44.26 -23.55
C PRO D 157 -7.26 -44.00 -24.89
N ASP D 158 -8.52 -44.42 -25.00
CA ASP D 158 -9.24 -44.33 -26.27
C ASP D 158 -9.38 -42.90 -26.79
N PHE D 159 -9.49 -41.93 -25.90
CA PHE D 159 -9.70 -40.57 -26.36
C PHE D 159 -8.54 -40.04 -27.22
N LEU D 160 -7.36 -40.62 -27.09
CA LEU D 160 -6.23 -40.19 -27.86
C LEU D 160 -6.25 -40.74 -29.28
N ARG D 161 -6.82 -41.90 -29.41
CA ARG D 161 -6.87 -42.54 -30.69
C ARG D 161 -7.95 -41.98 -31.56
N THR D 162 -8.98 -41.41 -30.98
CA THR D 162 -10.10 -40.87 -31.70
C THR D 162 -9.87 -39.44 -32.20
N CYS D 163 -8.67 -38.91 -32.04
CA CYS D 163 -8.41 -37.55 -32.49
C CYS D 163 -8.37 -37.44 -34.00
#